data_1INV
#
_entry.id   1INV
#
_cell.length_a   124.730
_cell.length_b   124.730
_cell.length_c   71.880
_cell.angle_alpha   90.00
_cell.angle_beta   90.00
_cell.angle_gamma   90.00
#
_symmetry.space_group_name_H-M   'P 4 21 2'
#
loop_
_entity.id
_entity.type
_entity.pdbx_description
1 polymer 'INFLUENZA VIRUS B/LEE/40 NEURAMINIDASE'
2 non-polymer 2-acetamido-2-deoxy-beta-D-glucopyranose
3 non-polymer 'CALCIUM ION'
4 non-polymer (1R)-4-acetamido-1,5-anhydro-2,4-dideoxy-1-phosphono-D-glycero-D-galacto-octitol
5 water water
#
_entity_poly.entity_id   1
_entity_poly.type   'polypeptide(L)'
_entity_poly.pdbx_seq_one_letter_code
;EPEWTYPRLSCQGSTFQKALLISPHRFGEIKGNSAPLIIREPFVACGPKECRHFALTHYAAQPGGYYNGTRKDRNKLRHL
VSVKLGKIPTVENSIFHMAAWSGSACHDGREWTYIGVDGPDNDALVKIKYGEAYTDTYHSYAHNILRTQESACNCIGGDC
YLMITDGSASGISKCRFLKIREGRIIKEILPTGRVEHTEECTCGFASNKTIECACRDNSYTAKRPFVKLNVETDTAEIRL
MCTKTYLDTPRPDDGSIAGPCESNGDKWLGGIKGGFVHQRMASKIGRWYSRTMSKTNRMGMELYVRYDGDPWTDSDALTL
SGVMVSIEEPGWYSFGFEIKDKKCDVPCIGIEMVHDGGKDTWHSAATAIYCLMGSGQLLWDTVTGVDMAL
;
_entity_poly.pdbx_strand_id   A
#
# COMPACT_ATOMS: atom_id res chain seq x y z
N GLU A 1 5.36 21.38 -22.70
CA GLU A 1 5.39 20.64 -21.39
C GLU A 1 4.53 19.37 -21.54
N PRO A 2 4.87 18.28 -20.80
CA PRO A 2 4.12 17.01 -20.85
C PRO A 2 2.74 17.26 -20.24
N GLU A 3 1.68 16.68 -20.79
CA GLU A 3 0.37 16.95 -20.19
C GLU A 3 0.28 16.24 -18.85
N TRP A 4 -0.66 16.69 -18.05
CA TRP A 4 -0.87 16.10 -16.74
C TRP A 4 -1.49 14.72 -16.94
N THR A 5 -1.41 13.93 -15.89
CA THR A 5 -1.97 12.59 -15.90
C THR A 5 -3.39 12.60 -15.35
N TYR A 6 -4.24 11.74 -15.94
CA TYR A 6 -5.64 11.52 -15.55
C TYR A 6 -5.92 10.03 -15.63
N PRO A 7 -6.81 9.52 -14.76
CA PRO A 7 -7.12 8.09 -14.82
C PRO A 7 -7.91 7.84 -16.11
N ARG A 8 -7.64 6.71 -16.76
CA ARG A 8 -8.35 6.35 -17.99
C ARG A 8 -9.13 5.09 -17.67
N LEU A 9 -9.71 4.52 -18.70
CA LEU A 9 -10.45 3.27 -18.57
C LEU A 9 -9.35 2.22 -18.48
N SER A 10 -9.61 1.16 -17.71
CA SER A 10 -8.66 0.08 -17.56
C SER A 10 -8.56 -0.70 -18.85
N CYS A 11 -7.50 -1.48 -19.00
CA CYS A 11 -7.34 -2.27 -20.20
C CYS A 11 -8.27 -3.51 -20.13
N GLN A 12 -8.58 -4.08 -21.29
CA GLN A 12 -9.44 -5.25 -21.35
C GLN A 12 -8.80 -6.42 -20.61
N GLY A 13 -9.61 -7.10 -19.82
CA GLY A 13 -9.14 -8.24 -19.06
C GLY A 13 -10.24 -8.64 -18.11
N SER A 14 -10.16 -9.86 -17.59
CA SER A 14 -11.17 -10.33 -16.68
C SER A 14 -10.52 -11.15 -15.57
N THR A 15 -9.19 -11.26 -15.60
CA THR A 15 -8.51 -11.99 -14.54
C THR A 15 -7.12 -11.42 -14.31
N PHE A 16 -6.58 -11.72 -13.13
CA PHE A 16 -5.22 -11.33 -12.75
C PHE A 16 -4.39 -12.57 -12.97
N GLN A 17 -3.10 -12.37 -13.28
CA GLN A 17 -2.19 -13.49 -13.47
C GLN A 17 -0.86 -13.10 -12.87
N LYS A 18 -0.05 -14.09 -12.52
CA LYS A 18 1.28 -13.88 -11.96
C LYS A 18 2.14 -13.15 -13.00
N ALA A 19 2.71 -12.02 -12.59
CA ALA A 19 3.51 -11.23 -13.51
C ALA A 19 5.01 -11.19 -13.25
N LEU A 20 5.39 -10.85 -12.01
CA LEU A 20 6.80 -10.66 -11.66
C LEU A 20 7.09 -10.85 -10.18
N LEU A 21 8.32 -11.30 -9.88
CA LEU A 21 8.80 -11.52 -8.52
C LEU A 21 10.17 -10.87 -8.35
N ILE A 22 10.30 -9.98 -7.36
CA ILE A 22 11.54 -9.29 -7.03
C ILE A 22 11.96 -9.87 -5.68
N SER A 23 12.90 -10.81 -5.71
CA SER A 23 13.38 -11.50 -4.53
C SER A 23 14.87 -11.23 -4.40
N PRO A 24 15.22 -10.05 -3.87
CA PRO A 24 16.64 -9.69 -3.72
C PRO A 24 17.49 -10.59 -2.85
N HIS A 25 16.87 -11.26 -1.88
CA HIS A 25 17.59 -12.11 -0.95
C HIS A 25 17.98 -13.49 -1.45
N ARG A 26 17.72 -13.72 -2.74
CA ARG A 26 18.10 -14.94 -3.44
C ARG A 26 19.59 -14.73 -3.76
N PHE A 27 20.06 -13.49 -3.60
CA PHE A 27 21.47 -13.15 -3.86
C PHE A 27 22.18 -12.61 -2.59
N GLY A 28 21.68 -12.99 -1.42
CA GLY A 28 22.28 -12.50 -0.19
C GLY A 28 23.09 -13.51 0.59
N GLU A 29 23.35 -14.66 -0.02
CA GLU A 29 24.10 -15.71 0.64
C GLU A 29 25.44 -15.20 1.09
N ILE A 30 25.88 -15.69 2.25
CA ILE A 30 27.20 -15.37 2.80
C ILE A 30 28.24 -15.65 1.71
N LYS A 31 28.02 -16.75 0.97
CA LYS A 31 28.85 -17.21 -0.14
C LYS A 31 28.78 -16.37 -1.41
N GLY A 32 27.71 -15.59 -1.56
CA GLY A 32 27.56 -14.77 -2.75
C GLY A 32 28.39 -13.51 -2.77
N ASN A 33 28.20 -12.72 -3.81
CA ASN A 33 28.94 -11.48 -3.95
C ASN A 33 28.02 -10.29 -4.17
N SER A 34 26.75 -10.40 -3.73
CA SER A 34 25.79 -9.32 -3.90
C SER A 34 25.51 -8.49 -2.65
N ALA A 35 24.78 -7.40 -2.83
CA ALA A 35 24.46 -6.50 -1.73
C ALA A 35 22.99 -6.07 -1.68
N PRO A 36 22.04 -7.02 -1.54
CA PRO A 36 20.65 -6.57 -1.48
C PRO A 36 20.37 -5.73 -0.20
N LEU A 37 19.59 -4.67 -0.35
CA LEU A 37 19.25 -3.83 0.79
C LEU A 37 18.19 -4.48 1.69
N ILE A 38 18.23 -4.14 2.97
CA ILE A 38 17.27 -4.63 3.95
C ILE A 38 16.12 -3.63 3.96
N ILE A 39 14.97 -4.12 3.52
CA ILE A 39 13.76 -3.32 3.38
C ILE A 39 12.49 -3.93 3.97
N ARG A 40 11.42 -3.13 3.96
CA ARG A 40 10.07 -3.51 4.42
C ARG A 40 9.17 -2.40 3.85
N GLU A 41 7.86 -2.68 3.78
CA GLU A 41 6.88 -1.72 3.27
C GLU A 41 7.12 -1.28 1.83
N PRO A 42 7.29 -2.25 0.92
CA PRO A 42 7.53 -1.85 -0.46
C PRO A 42 6.23 -1.52 -1.18
N PHE A 43 6.35 -0.67 -2.19
CA PHE A 43 5.22 -0.35 -3.03
C PHE A 43 5.74 0.00 -4.40
N VAL A 44 4.82 0.20 -5.33
CA VAL A 44 5.15 0.55 -6.70
C VAL A 44 4.26 1.72 -7.12
N ALA A 45 4.83 2.61 -7.93
CA ALA A 45 4.14 3.78 -8.44
C ALA A 45 4.66 3.94 -9.86
N CYS A 46 3.78 4.22 -10.81
CA CYS A 46 4.21 4.36 -12.18
C CYS A 46 3.93 5.72 -12.76
N GLY A 47 4.82 6.13 -13.65
CA GLY A 47 4.64 7.37 -14.36
C GLY A 47 4.16 6.92 -15.73
N PRO A 48 4.18 7.79 -16.72
CA PRO A 48 3.71 7.38 -18.04
C PRO A 48 4.65 6.43 -18.77
N LYS A 49 5.95 6.55 -18.50
CA LYS A 49 6.93 5.72 -19.20
C LYS A 49 7.86 4.89 -18.33
N GLU A 50 7.44 4.54 -17.12
CA GLU A 50 8.27 3.74 -16.22
C GLU A 50 7.66 3.57 -14.83
N CYS A 51 7.87 2.41 -14.23
CA CYS A 51 7.39 2.14 -12.88
C CYS A 51 8.61 2.09 -11.96
N ARG A 52 8.42 2.56 -10.73
CA ARG A 52 9.50 2.54 -9.76
C ARG A 52 9.01 1.71 -8.63
N HIS A 53 9.95 1.01 -8.02
CA HIS A 53 9.69 0.11 -6.92
C HIS A 53 10.31 0.77 -5.67
N PHE A 54 9.46 1.34 -4.82
CA PHE A 54 9.92 2.02 -3.59
C PHE A 54 9.90 1.14 -2.33
N ALA A 55 10.63 1.54 -1.30
CA ALA A 55 10.68 0.81 -0.04
C ALA A 55 11.40 1.63 1.01
N LEU A 56 11.26 1.23 2.27
CA LEU A 56 11.92 1.91 3.37
C LEU A 56 13.03 0.98 3.78
N THR A 57 14.28 1.40 3.58
CA THR A 57 15.39 0.55 3.95
C THR A 57 15.91 0.88 5.36
N HIS A 58 16.64 -0.08 5.93
CA HIS A 58 17.25 0.11 7.24
C HIS A 58 18.72 0.55 7.05
N TYR A 59 19.07 0.90 5.80
CA TYR A 59 20.40 1.39 5.46
C TYR A 59 21.42 0.32 5.82
N ALA A 60 21.10 -0.90 5.44
CA ALA A 60 21.95 -2.06 5.71
C ALA A 60 21.71 -3.09 4.61
N ALA A 61 22.70 -3.96 4.38
CA ALA A 61 22.60 -5.03 3.37
C ALA A 61 22.89 -6.44 3.91
N GLN A 62 22.55 -7.44 3.12
CA GLN A 62 22.76 -8.85 3.45
C GLN A 62 23.65 -9.39 2.33
N PRO A 63 24.83 -9.96 2.67
CA PRO A 63 25.38 -10.14 4.02
C PRO A 63 25.85 -8.80 4.61
N GLY A 64 25.92 -8.74 5.94
CA GLY A 64 26.33 -7.52 6.60
C GLY A 64 26.43 -7.66 8.09
N GLY A 65 26.61 -6.53 8.78
CA GLY A 65 26.74 -6.55 10.22
C GLY A 65 25.79 -5.66 10.98
N TYR A 66 24.74 -5.17 10.32
CA TYR A 66 23.80 -4.27 10.99
C TYR A 66 22.39 -4.84 10.99
N TYR A 67 22.30 -6.11 11.40
CA TYR A 67 21.01 -6.81 11.49
C TYR A 67 20.26 -6.43 12.76
N ASN A 68 20.97 -6.06 13.82
CA ASN A 68 20.31 -5.69 15.06
C ASN A 68 19.58 -4.38 14.84
N GLY A 69 18.26 -4.41 14.99
CA GLY A 69 17.47 -3.21 14.80
C GLY A 69 16.72 -3.15 13.48
N THR A 70 16.84 -4.19 12.65
CA THR A 70 16.15 -4.22 11.36
C THR A 70 14.69 -4.64 11.49
N ARG A 71 14.30 -5.00 12.71
CA ARG A 71 12.92 -5.40 12.99
C ARG A 71 12.18 -4.22 13.66
N LYS A 72 12.97 -3.24 14.10
CA LYS A 72 12.47 -2.00 14.72
C LYS A 72 11.87 -1.17 13.55
N ASP A 73 10.79 -0.44 13.80
CA ASP A 73 10.08 0.29 12.76
C ASP A 73 10.55 1.67 12.44
N ARG A 74 10.79 2.45 13.47
CA ARG A 74 11.22 3.82 13.31
C ARG A 74 12.58 4.03 13.98
N ASN A 75 13.45 4.76 13.31
CA ASN A 75 14.79 5.06 13.80
C ASN A 75 15.35 6.18 12.92
N LYS A 76 16.56 6.64 13.19
CA LYS A 76 17.19 7.73 12.42
C LYS A 76 17.93 7.32 11.15
N LEU A 77 17.94 6.02 10.86
CA LEU A 77 18.63 5.47 9.68
C LEU A 77 17.70 5.17 8.50
N ARG A 78 16.44 4.88 8.76
CA ARG A 78 15.54 4.55 7.66
C ARG A 78 15.44 5.59 6.58
N HIS A 79 15.41 5.11 5.35
CA HIS A 79 15.32 5.98 4.18
C HIS A 79 14.40 5.38 3.13
N LEU A 80 13.75 6.27 2.38
CA LEU A 80 12.89 5.87 1.27
C LEU A 80 13.83 5.70 0.07
N VAL A 81 13.85 4.50 -0.53
CA VAL A 81 14.69 4.21 -1.68
C VAL A 81 13.87 3.67 -2.86
N SER A 82 14.47 3.62 -4.04
CA SER A 82 13.77 3.07 -5.19
C SER A 82 14.70 2.67 -6.28
N VAL A 83 14.20 1.79 -7.13
CA VAL A 83 14.87 1.27 -8.31
C VAL A 83 13.79 1.23 -9.39
N LYS A 84 14.22 1.12 -10.64
CA LYS A 84 13.26 1.00 -11.71
C LYS A 84 12.66 -0.41 -11.51
N LEU A 85 11.36 -0.55 -11.72
CA LEU A 85 10.71 -1.85 -11.55
C LEU A 85 11.42 -2.88 -12.43
N GLY A 86 11.91 -3.95 -11.85
CA GLY A 86 12.62 -4.93 -12.65
C GLY A 86 14.08 -5.08 -12.26
N LYS A 87 14.61 -4.09 -11.56
CA LYS A 87 15.99 -4.16 -11.14
C LYS A 87 15.98 -4.65 -9.70
N ILE A 88 17.01 -5.37 -9.30
CA ILE A 88 17.12 -5.84 -7.93
C ILE A 88 17.55 -4.64 -7.08
N PRO A 89 16.83 -4.39 -5.97
CA PRO A 89 17.22 -3.24 -5.15
C PRO A 89 18.50 -3.51 -4.36
N THR A 90 19.62 -3.18 -4.98
CA THR A 90 20.89 -3.37 -4.29
C THR A 90 21.41 -2.04 -3.79
N VAL A 91 22.49 -2.10 -3.01
CA VAL A 91 23.17 -0.94 -2.48
C VAL A 91 23.51 0.05 -3.61
N GLU A 92 24.02 -0.45 -4.73
CA GLU A 92 24.39 0.40 -5.84
C GLU A 92 23.27 0.76 -6.80
N ASN A 93 22.32 -0.13 -6.98
CA ASN A 93 21.24 0.15 -7.90
C ASN A 93 20.21 1.15 -7.36
N SER A 94 20.08 1.22 -6.04
CA SER A 94 19.09 2.10 -5.44
C SER A 94 19.48 3.55 -5.43
N ILE A 95 18.47 4.42 -5.35
CA ILE A 95 18.68 5.86 -5.22
C ILE A 95 18.08 6.11 -3.83
N PHE A 96 18.74 6.92 -3.00
CA PHE A 96 18.21 7.26 -1.69
C PHE A 96 17.55 8.63 -1.85
N HIS A 97 16.24 8.67 -1.64
CA HIS A 97 15.45 9.91 -1.78
C HIS A 97 15.42 10.82 -0.60
N MET A 98 15.18 10.27 0.58
CA MET A 98 15.16 11.05 1.81
C MET A 98 15.04 10.14 3.03
N ALA A 99 15.36 10.70 4.19
CA ALA A 99 15.26 9.99 5.46
C ALA A 99 13.78 9.92 5.80
N ALA A 100 13.29 8.70 6.07
CA ALA A 100 11.89 8.51 6.38
C ALA A 100 11.62 7.13 6.92
N TRP A 101 10.73 7.05 7.90
CA TRP A 101 10.36 5.77 8.42
C TRP A 101 8.91 5.42 8.04
N SER A 102 8.35 6.22 7.12
CA SER A 102 7.00 6.03 6.58
C SER A 102 7.00 6.80 5.25
N GLY A 103 6.51 6.21 4.17
CA GLY A 103 6.54 6.91 2.89
C GLY A 103 5.39 6.74 1.91
N SER A 104 5.55 7.40 0.78
CA SER A 104 4.59 7.36 -0.32
C SER A 104 5.26 8.10 -1.48
N ALA A 105 4.79 7.85 -2.70
CA ALA A 105 5.33 8.53 -3.87
C ALA A 105 4.32 8.41 -5.01
N CYS A 106 4.39 9.35 -5.94
CA CYS A 106 3.52 9.36 -7.11
C CYS A 106 4.05 10.34 -8.15
N HIS A 107 3.60 10.15 -9.37
CA HIS A 107 4.02 10.95 -10.52
C HIS A 107 2.78 11.63 -11.10
N ASP A 108 2.88 12.95 -11.35
CA ASP A 108 1.76 13.71 -11.91
C ASP A 108 1.73 13.82 -13.44
N GLY A 109 2.65 13.11 -14.10
CA GLY A 109 2.75 13.12 -15.55
C GLY A 109 3.87 14.02 -16.02
N ARG A 110 4.46 14.75 -15.06
CA ARG A 110 5.56 15.69 -15.33
C ARG A 110 6.74 15.47 -14.38
N GLU A 111 6.44 15.06 -13.15
CA GLU A 111 7.49 14.90 -12.17
C GLU A 111 7.07 14.01 -11.01
N TRP A 112 8.06 13.50 -10.27
CA TRP A 112 7.88 12.63 -9.12
C TRP A 112 7.70 13.40 -7.83
N THR A 113 6.78 12.94 -7.00
CA THR A 113 6.54 13.55 -5.71
C THR A 113 6.88 12.48 -4.69
N TYR A 114 7.86 12.76 -3.85
CA TYR A 114 8.31 11.81 -2.85
C TYR A 114 7.81 12.29 -1.52
N ILE A 115 7.19 11.41 -0.75
CA ILE A 115 6.66 11.76 0.58
C ILE A 115 7.38 10.87 1.58
N GLY A 116 7.86 11.46 2.67
CA GLY A 116 8.58 10.72 3.68
C GLY A 116 8.41 11.37 5.04
N VAL A 117 8.08 10.57 6.03
CA VAL A 117 7.86 11.05 7.38
C VAL A 117 8.99 10.63 8.30
N ASP A 118 9.44 11.54 9.14
CA ASP A 118 10.47 11.21 10.13
C ASP A 118 10.33 12.19 11.30
N GLY A 119 11.25 12.16 12.24
CA GLY A 119 11.13 13.06 13.37
C GLY A 119 10.78 12.26 14.61
N PRO A 120 10.85 12.88 15.77
CA PRO A 120 10.51 12.13 16.98
C PRO A 120 9.03 11.73 16.95
N ASP A 121 8.72 10.61 17.60
CA ASP A 121 7.35 10.08 17.65
C ASP A 121 6.29 11.07 18.07
N ASN A 122 6.58 11.85 19.10
CA ASN A 122 5.61 12.83 19.59
C ASN A 122 5.49 14.10 18.75
N ASP A 123 6.27 14.20 17.68
CA ASP A 123 6.28 15.38 16.85
C ASP A 123 6.96 15.07 15.51
N ALA A 124 6.39 14.09 14.82
CA ALA A 124 6.88 13.63 13.54
C ALA A 124 6.64 14.69 12.45
N LEU A 125 7.21 14.48 11.28
CA LEU A 125 7.07 15.44 10.23
C LEU A 125 6.95 14.85 8.83
N VAL A 126 5.92 15.26 8.10
CA VAL A 126 5.70 14.81 6.73
C VAL A 126 6.52 15.78 5.89
N LYS A 127 7.46 15.26 5.09
CA LYS A 127 8.32 16.09 4.26
C LYS A 127 8.01 15.75 2.82
N ILE A 128 7.99 16.75 1.97
CA ILE A 128 7.66 16.56 0.57
C ILE A 128 8.75 17.01 -0.37
N LYS A 129 9.10 16.15 -1.33
CA LYS A 129 10.12 16.47 -2.30
C LYS A 129 9.51 16.40 -3.70
N TYR A 130 9.84 17.36 -4.56
CA TYR A 130 9.32 17.35 -5.93
C TYR A 130 10.54 17.28 -6.84
N GLY A 131 10.75 16.12 -7.44
CA GLY A 131 11.92 15.97 -8.26
C GLY A 131 13.12 15.99 -7.32
N GLU A 132 14.05 16.93 -7.53
CA GLU A 132 15.26 17.02 -6.72
C GLU A 132 15.15 18.03 -5.56
N ALA A 133 14.04 18.76 -5.50
CA ALA A 133 13.86 19.79 -4.48
C ALA A 133 12.91 19.48 -3.35
N TYR A 134 13.35 19.85 -2.15
CA TYR A 134 12.55 19.72 -0.95
C TYR A 134 11.62 20.94 -0.99
N THR A 135 10.32 20.67 -1.07
CA THR A 135 9.31 21.71 -1.20
C THR A 135 8.40 22.07 -0.03
N ASP A 136 7.92 21.08 0.72
CA ASP A 136 7.01 21.37 1.82
C ASP A 136 7.07 20.36 2.97
N THR A 137 6.44 20.68 4.11
CA THR A 137 6.39 19.79 5.27
C THR A 137 5.04 19.92 5.97
N TYR A 138 4.66 18.94 6.79
CA TYR A 138 3.39 18.97 7.54
C TYR A 138 3.61 18.42 8.91
N HIS A 139 3.12 19.14 9.90
CA HIS A 139 3.33 18.75 11.29
C HIS A 139 2.31 17.82 11.87
N SER A 140 2.73 17.17 12.95
CA SER A 140 1.90 16.23 13.68
C SER A 140 0.78 17.02 14.38
N TYR A 141 -0.43 16.46 14.34
CA TYR A 141 -1.60 17.12 14.95
C TYR A 141 -2.18 16.40 16.15
N ALA A 142 -1.79 15.14 16.32
CA ALA A 142 -2.26 14.37 17.46
C ALA A 142 -1.05 13.97 18.30
N HIS A 143 0.14 14.38 17.85
CA HIS A 143 1.40 14.11 18.56
C HIS A 143 1.67 12.68 18.94
N ASN A 144 1.12 11.75 18.15
CA ASN A 144 1.34 10.34 18.40
C ASN A 144 1.65 9.66 17.06
N ILE A 145 2.92 9.67 16.71
CA ILE A 145 3.40 9.03 15.49
C ILE A 145 2.67 9.39 14.19
N LEU A 146 2.85 10.60 13.71
CA LEU A 146 2.26 11.00 12.44
C LEU A 146 2.86 10.03 11.39
N ARG A 147 2.04 9.58 10.44
CA ARG A 147 2.50 8.62 9.45
C ARG A 147 1.63 8.66 8.19
N THR A 148 2.05 7.94 7.15
CA THR A 148 1.29 7.97 5.92
C THR A 148 0.90 6.60 5.34
N GLN A 149 0.70 6.56 4.03
CA GLN A 149 0.21 5.38 3.30
C GLN A 149 0.94 4.08 3.09
N GLU A 150 2.23 4.16 2.72
CA GLU A 150 3.04 2.98 2.42
C GLU A 150 2.57 2.40 1.06
N SER A 151 2.08 3.30 0.20
CA SER A 151 1.64 2.98 -1.16
C SER A 151 1.57 4.30 -1.97
N ALA A 152 1.31 4.20 -3.28
CA ALA A 152 1.30 5.39 -4.12
C ALA A 152 0.26 6.43 -3.77
N CYS A 153 0.59 7.69 -4.03
CA CYS A 153 -0.39 8.76 -3.82
C CYS A 153 -1.10 8.86 -5.16
N ASN A 154 -2.19 9.62 -5.23
CA ASN A 154 -2.93 9.69 -6.47
C ASN A 154 -3.10 11.06 -7.07
N CYS A 155 -2.60 11.25 -8.29
CA CYS A 155 -2.67 12.52 -8.99
C CYS A 155 -3.65 12.58 -10.16
N ILE A 156 -4.23 13.77 -10.32
CA ILE A 156 -5.19 14.07 -11.39
C ILE A 156 -5.06 15.54 -11.75
N GLY A 157 -4.70 15.82 -12.99
CA GLY A 157 -4.56 17.20 -13.39
C GLY A 157 -3.49 17.97 -12.65
N GLY A 158 -2.53 17.28 -12.05
CA GLY A 158 -1.47 17.98 -11.34
C GLY A 158 -1.71 18.13 -9.86
N ASP A 159 -2.85 17.61 -9.40
CA ASP A 159 -3.23 17.62 -7.99
C ASP A 159 -3.08 16.19 -7.48
N CYS A 160 -2.31 16.00 -6.41
CA CYS A 160 -2.04 14.67 -5.84
C CYS A 160 -2.64 14.55 -4.46
N TYR A 161 -3.40 13.49 -4.22
CA TYR A 161 -4.04 13.32 -2.93
C TYR A 161 -3.32 12.26 -2.12
N LEU A 162 -3.05 12.59 -0.87
CA LEU A 162 -2.33 11.73 0.04
C LEU A 162 -3.00 11.60 1.41
N MET A 163 -3.05 10.39 1.96
CA MET A 163 -3.60 10.16 3.30
C MET A 163 -2.48 10.18 4.35
N ILE A 164 -2.71 10.90 5.43
CA ILE A 164 -1.77 10.96 6.54
C ILE A 164 -2.64 10.66 7.74
N THR A 165 -2.04 10.19 8.82
CA THR A 165 -2.82 9.94 10.03
C THR A 165 -1.94 10.18 11.22
N ASP A 166 -2.57 10.31 12.37
CA ASP A 166 -1.86 10.61 13.58
C ASP A 166 -2.73 10.08 14.71
N GLY A 167 -2.12 9.49 15.72
CA GLY A 167 -2.90 8.98 16.80
C GLY A 167 -2.36 7.66 17.31
N SER A 168 -3.02 7.15 18.33
CA SER A 168 -2.62 5.92 18.97
C SER A 168 -3.00 4.70 18.18
N ALA A 169 -2.03 3.81 18.05
CA ALA A 169 -2.20 2.56 17.33
C ALA A 169 -3.35 1.76 17.96
N SER A 170 -3.53 1.97 19.26
CA SER A 170 -4.57 1.29 20.03
C SER A 170 -5.72 2.19 20.44
N GLY A 171 -5.91 3.31 19.76
CA GLY A 171 -6.99 4.22 20.09
C GLY A 171 -7.48 5.00 18.89
N ILE A 172 -7.72 6.29 19.07
CA ILE A 172 -8.17 7.13 17.97
C ILE A 172 -6.98 7.60 17.12
N SER A 173 -7.12 7.51 15.81
CA SER A 173 -6.14 7.97 14.84
C SER A 173 -7.00 8.50 13.72
N LYS A 174 -7.37 9.76 13.82
CA LYS A 174 -8.21 10.35 12.81
C LYS A 174 -7.32 10.79 11.67
N CYS A 175 -7.64 10.35 10.46
CA CYS A 175 -6.84 10.69 9.29
C CYS A 175 -7.27 11.99 8.60
N ARG A 176 -6.40 12.52 7.76
CA ARG A 176 -6.70 13.72 6.98
C ARG A 176 -6.13 13.45 5.62
N PHE A 177 -6.57 14.20 4.63
CA PHE A 177 -6.02 14.04 3.29
C PHE A 177 -5.39 15.37 2.89
N LEU A 178 -4.23 15.30 2.23
CA LEU A 178 -3.53 16.48 1.78
C LEU A 178 -3.62 16.62 0.25
N LYS A 179 -4.02 17.79 -0.21
CA LYS A 179 -4.08 18.09 -1.65
C LYS A 179 -2.78 18.84 -1.95
N ILE A 180 -1.92 18.22 -2.76
CA ILE A 180 -0.61 18.76 -3.10
C ILE A 180 -0.47 19.04 -4.59
N ARG A 181 0.17 20.14 -4.92
CA ARG A 181 0.40 20.47 -6.32
C ARG A 181 1.83 20.99 -6.46
N GLU A 182 2.61 20.33 -7.29
CA GLU A 182 3.98 20.74 -7.51
C GLU A 182 4.82 20.82 -6.22
N GLY A 183 4.58 19.86 -5.33
CA GLY A 183 5.36 19.74 -4.11
C GLY A 183 4.91 20.55 -2.93
N ARG A 184 3.85 21.33 -3.11
CA ARG A 184 3.35 22.14 -2.02
C ARG A 184 1.88 21.90 -1.70
N ILE A 185 1.60 21.79 -0.41
CA ILE A 185 0.27 21.55 0.11
C ILE A 185 -0.68 22.72 -0.17
N ILE A 186 -1.70 22.50 -0.99
CA ILE A 186 -2.63 23.56 -1.34
C ILE A 186 -3.95 23.45 -0.60
N LYS A 187 -4.16 22.32 0.06
CA LYS A 187 -5.39 22.14 0.81
C LYS A 187 -5.22 20.99 1.80
N GLU A 188 -6.00 21.06 2.86
CA GLU A 188 -5.99 20.09 3.95
C GLU A 188 -7.44 19.60 4.01
N ILE A 189 -7.67 18.30 4.04
CA ILE A 189 -9.03 17.81 4.00
C ILE A 189 -9.35 16.94 5.20
N LEU A 190 -10.36 17.35 5.97
CA LEU A 190 -10.79 16.64 7.16
C LEU A 190 -12.05 15.86 6.80
N PRO A 191 -11.94 14.50 6.78
CA PRO A 191 -13.05 13.57 6.43
C PRO A 191 -14.20 13.53 7.46
N THR A 192 -15.33 13.04 6.98
CA THR A 192 -16.57 12.90 7.77
C THR A 192 -16.89 11.40 7.83
N GLY A 193 -17.83 11.02 8.68
CA GLY A 193 -18.23 9.64 8.80
C GLY A 193 -17.67 8.94 10.01
N ARG A 194 -17.33 7.67 9.84
CA ARG A 194 -16.75 6.91 10.92
C ARG A 194 -15.25 7.22 10.84
N VAL A 195 -14.78 8.04 11.77
CA VAL A 195 -13.39 8.49 11.76
C VAL A 195 -12.41 8.05 12.87
N GLU A 196 -12.91 7.35 13.90
CA GLU A 196 -12.08 6.94 15.02
C GLU A 196 -10.72 6.30 14.72
N HIS A 197 -10.61 5.51 13.66
CA HIS A 197 -9.32 4.92 13.34
C HIS A 197 -9.15 4.50 11.88
N THR A 198 -8.37 5.31 11.15
CA THR A 198 -8.08 5.08 9.74
C THR A 198 -6.59 5.25 9.51
N GLU A 199 -5.92 4.23 8.99
CA GLU A 199 -4.49 4.31 8.71
C GLU A 199 -4.14 3.41 7.56
N GLU A 200 -2.94 3.63 7.01
CA GLU A 200 -2.40 2.85 5.90
C GLU A 200 -3.37 2.64 4.73
N CYS A 201 -4.05 3.69 4.32
CA CYS A 201 -4.98 3.56 3.21
C CYS A 201 -4.31 3.22 1.90
N THR A 202 -5.01 2.41 1.10
CA THR A 202 -4.59 2.04 -0.25
C THR A 202 -5.69 2.69 -1.09
N CYS A 203 -5.32 3.78 -1.73
CA CYS A 203 -6.23 4.59 -2.52
C CYS A 203 -6.12 4.43 -4.04
N GLY A 204 -7.17 4.79 -4.74
CA GLY A 204 -7.14 4.72 -6.19
C GLY A 204 -8.29 5.50 -6.80
N PHE A 205 -8.28 5.67 -8.10
CA PHE A 205 -9.33 6.41 -8.77
C PHE A 205 -10.43 5.45 -9.18
N ALA A 206 -11.65 5.74 -8.75
CA ALA A 206 -12.79 4.94 -9.14
C ALA A 206 -13.34 5.61 -10.41
N SER A 207 -12.99 6.89 -10.57
CA SER A 207 -13.40 7.74 -11.70
C SER A 207 -12.64 9.07 -11.59
N ASN A 208 -12.97 10.02 -12.46
CA ASN A 208 -12.32 11.34 -12.47
C ASN A 208 -12.84 12.27 -11.38
N LYS A 209 -13.83 11.81 -10.63
CA LYS A 209 -14.40 12.62 -9.58
C LYS A 209 -14.34 11.98 -8.19
N THR A 210 -13.95 10.70 -8.15
CA THR A 210 -13.86 10.00 -6.88
C THR A 210 -12.61 9.15 -6.70
N ILE A 211 -12.01 9.28 -5.51
CA ILE A 211 -10.84 8.49 -5.13
C ILE A 211 -11.35 7.61 -3.99
N GLU A 212 -11.15 6.30 -4.09
CA GLU A 212 -11.58 5.39 -3.03
C GLU A 212 -10.37 4.70 -2.39
N CYS A 213 -10.43 4.50 -1.08
CA CYS A 213 -9.34 3.84 -0.35
C CYS A 213 -9.84 2.76 0.61
N ALA A 214 -9.11 1.66 0.69
CA ALA A 214 -9.43 0.58 1.64
C ALA A 214 -8.33 0.79 2.67
N CYS A 215 -8.69 0.97 3.94
CA CYS A 215 -7.67 1.25 4.94
C CYS A 215 -7.60 0.24 6.07
N ARG A 216 -6.83 0.58 7.08
CA ARG A 216 -6.64 -0.29 8.19
C ARG A 216 -7.11 0.44 9.44
N ASP A 217 -7.79 -0.29 10.29
CA ASP A 217 -8.26 0.22 11.56
C ASP A 217 -7.50 -0.77 12.46
N ASN A 218 -6.55 -0.23 13.19
CA ASN A 218 -5.75 -1.06 14.06
C ASN A 218 -6.32 -1.41 15.43
N SER A 219 -7.43 -0.81 15.83
CA SER A 219 -7.92 -1.08 17.20
C SER A 219 -9.36 -1.43 17.49
N TYR A 220 -10.25 -1.13 16.56
CA TYR A 220 -11.67 -1.36 16.82
C TYR A 220 -12.42 -2.40 16.00
N THR A 221 -11.84 -2.87 14.91
CA THR A 221 -12.56 -3.82 14.08
C THR A 221 -11.67 -4.56 13.10
N ALA A 222 -12.22 -5.64 12.56
CA ALA A 222 -11.54 -6.43 11.54
C ALA A 222 -12.16 -6.02 10.19
N LYS A 223 -13.11 -5.09 10.20
CA LYS A 223 -13.72 -4.57 8.97
C LYS A 223 -12.84 -3.41 8.52
N ARG A 224 -12.58 -3.30 7.23
CA ARG A 224 -11.77 -2.20 6.75
C ARG A 224 -12.54 -0.92 6.50
N PRO A 225 -11.96 0.23 6.95
CA PRO A 225 -12.53 1.56 6.77
C PRO A 225 -12.43 1.80 5.28
N PHE A 226 -13.44 2.44 4.71
CA PHE A 226 -13.44 2.67 3.28
C PHE A 226 -13.73 4.14 3.03
N VAL A 227 -12.83 4.79 2.29
CA VAL A 227 -12.95 6.23 2.00
C VAL A 227 -13.46 6.58 0.60
N LYS A 228 -14.34 7.58 0.55
CA LYS A 228 -14.82 8.10 -0.71
C LYS A 228 -14.47 9.60 -0.66
N LEU A 229 -13.53 10.00 -1.50
CA LEU A 229 -13.06 11.38 -1.57
C LEU A 229 -13.51 11.97 -2.91
N ASN A 230 -14.35 12.99 -2.83
CA ASN A 230 -14.83 13.66 -4.03
C ASN A 230 -13.78 14.69 -4.39
N VAL A 231 -13.06 14.46 -5.47
CA VAL A 231 -12.03 15.36 -5.97
C VAL A 231 -12.60 16.71 -6.38
N GLU A 232 -13.85 16.72 -6.83
CA GLU A 232 -14.47 17.97 -7.25
C GLU A 232 -14.72 18.94 -6.12
N THR A 233 -15.19 18.45 -4.98
CA THR A 233 -15.50 19.32 -3.85
C THR A 233 -14.45 19.27 -2.75
N ASP A 234 -13.52 18.33 -2.85
CA ASP A 234 -12.49 18.14 -1.85
C ASP A 234 -13.08 17.82 -0.48
N THR A 235 -14.01 16.89 -0.51
CA THR A 235 -14.69 16.45 0.69
C THR A 235 -14.56 14.93 0.78
N ALA A 236 -14.34 14.43 1.99
CA ALA A 236 -14.20 13.00 2.14
C ALA A 236 -15.10 12.49 3.25
N GLU A 237 -15.58 11.27 3.07
CA GLU A 237 -16.44 10.60 4.01
C GLU A 237 -15.90 9.20 4.20
N ILE A 238 -16.03 8.66 5.40
CA ILE A 238 -15.54 7.32 5.65
C ILE A 238 -16.61 6.50 6.35
N ARG A 239 -16.76 5.26 5.92
CA ARG A 239 -17.70 4.29 6.50
C ARG A 239 -17.01 2.93 6.34
N LEU A 240 -17.35 2.00 7.22
CA LEU A 240 -16.78 0.67 7.16
C LEU A 240 -17.39 -0.16 6.04
N MET A 241 -16.59 -1.08 5.50
CA MET A 241 -17.04 -1.98 4.44
C MET A 241 -18.03 -2.94 5.06
N CYS A 242 -19.09 -3.25 4.34
CA CYS A 242 -20.12 -4.10 4.85
C CYS A 242 -20.02 -5.59 4.50
N THR A 243 -19.09 -5.94 3.62
CA THR A 243 -18.92 -7.34 3.19
C THR A 243 -18.66 -8.34 4.29
N LYS A 244 -19.26 -9.51 4.13
CA LYS A 244 -19.11 -10.62 5.05
C LYS A 244 -17.64 -11.07 5.00
N THR A 245 -16.96 -10.75 3.90
CA THR A 245 -15.56 -11.11 3.67
C THR A 245 -14.59 -10.11 4.26
N TYR A 246 -14.44 -10.18 5.58
CA TYR A 246 -13.58 -9.29 6.35
C TYR A 246 -12.19 -9.31 5.77
N LEU A 247 -11.67 -8.13 5.43
CA LEU A 247 -10.36 -8.05 4.79
C LEU A 247 -9.13 -7.73 5.63
N ASP A 248 -9.31 -7.57 6.95
CA ASP A 248 -8.18 -7.24 7.83
C ASP A 248 -7.62 -8.53 8.42
N THR A 249 -6.49 -8.42 9.11
CA THR A 249 -5.83 -9.56 9.76
C THR A 249 -5.28 -8.97 11.05
N PRO A 250 -5.60 -9.55 12.22
CA PRO A 250 -6.48 -10.72 12.41
C PRO A 250 -7.97 -10.42 12.19
N ARG A 251 -8.75 -11.47 12.04
CA ARG A 251 -10.17 -11.33 11.76
C ARG A 251 -10.89 -12.59 12.25
N PRO A 252 -12.22 -12.52 12.40
CA PRO A 252 -13.01 -13.68 12.85
C PRO A 252 -13.56 -14.38 11.59
N ASP A 253 -14.28 -15.49 11.78
CA ASP A 253 -14.89 -16.21 10.67
C ASP A 253 -15.69 -15.22 9.81
N ASP A 254 -15.84 -15.51 8.53
CA ASP A 254 -16.62 -14.65 7.66
C ASP A 254 -18.07 -14.56 8.08
N GLY A 255 -18.60 -13.35 8.06
CA GLY A 255 -19.98 -13.12 8.44
C GLY A 255 -20.28 -13.40 9.90
N SER A 256 -19.24 -13.49 10.72
CA SER A 256 -19.43 -13.76 12.12
C SER A 256 -19.78 -12.50 12.90
N ILE A 257 -19.57 -11.34 12.29
CA ILE A 257 -19.85 -10.10 12.97
C ILE A 257 -21.32 -9.73 12.74
N ALA A 258 -22.12 -9.90 13.78
CA ALA A 258 -23.54 -9.61 13.67
C ALA A 258 -23.86 -8.14 13.87
N GLY A 259 -24.94 -7.71 13.24
CA GLY A 259 -25.36 -6.33 13.37
C GLY A 259 -25.36 -5.67 12.01
N PRO A 260 -25.77 -4.39 11.94
CA PRO A 260 -25.77 -3.70 10.64
C PRO A 260 -24.32 -3.45 10.20
N CYS A 261 -24.17 -2.93 8.98
CA CYS A 261 -22.86 -2.62 8.41
C CYS A 261 -21.87 -1.91 9.35
N GLU A 262 -22.39 -0.94 10.09
CA GLU A 262 -21.61 -0.11 11.01
C GLU A 262 -21.06 -0.79 12.27
N SER A 263 -21.57 -1.95 12.62
CA SER A 263 -21.10 -2.65 13.80
C SER A 263 -19.63 -3.03 13.66
N ASN A 264 -18.82 -2.67 14.66
CA ASN A 264 -17.40 -2.99 14.65
C ASN A 264 -17.17 -4.46 14.93
N GLY A 265 -17.86 -4.97 15.94
CA GLY A 265 -17.67 -6.35 16.33
C GLY A 265 -16.60 -6.33 17.41
N ASP A 266 -15.92 -7.45 17.62
CA ASP A 266 -14.87 -7.49 18.64
C ASP A 266 -13.73 -6.64 18.13
N LYS A 267 -12.83 -6.27 19.03
CA LYS A 267 -11.71 -5.41 18.64
C LYS A 267 -10.71 -6.02 17.68
N TRP A 268 -10.32 -7.27 17.95
CA TRP A 268 -9.36 -7.95 17.09
C TRP A 268 -8.18 -7.00 16.84
N LEU A 269 -7.58 -6.54 17.96
CA LEU A 269 -6.46 -5.61 17.97
C LEU A 269 -5.31 -5.93 17.01
N GLY A 270 -5.06 -5.00 16.09
CA GLY A 270 -4.03 -5.17 15.09
C GLY A 270 -4.67 -5.07 13.73
N GLY A 271 -3.82 -5.12 12.71
CA GLY A 271 -4.28 -5.04 11.35
C GLY A 271 -3.17 -5.31 10.37
N ILE A 272 -3.42 -4.96 9.11
CA ILE A 272 -2.47 -5.15 8.04
C ILE A 272 -2.93 -4.24 6.90
N LYS A 273 -1.99 -3.69 6.15
CA LYS A 273 -2.32 -2.84 5.00
C LYS A 273 -2.83 -3.78 3.91
N GLY A 274 -3.98 -3.47 3.31
CA GLY A 274 -4.53 -4.35 2.31
C GLY A 274 -4.50 -3.86 0.87
N GLY A 275 -4.40 -4.81 -0.06
CA GLY A 275 -4.39 -4.46 -1.47
C GLY A 275 -5.79 -4.10 -1.94
N PHE A 276 -5.84 -3.13 -2.83
CA PHE A 276 -7.09 -2.64 -3.39
C PHE A 276 -6.78 -1.88 -4.67
N VAL A 277 -7.44 -2.27 -5.76
CA VAL A 277 -7.25 -1.60 -7.04
C VAL A 277 -8.53 -1.65 -7.89
N HIS A 278 -8.75 -0.59 -8.66
CA HIS A 278 -9.94 -0.48 -9.49
C HIS A 278 -9.81 -0.97 -10.92
N GLN A 279 -10.92 -1.48 -11.46
CA GLN A 279 -10.97 -1.91 -12.84
C GLN A 279 -12.14 -1.10 -13.41
N ARG A 280 -11.83 -0.02 -14.13
CA ARG A 280 -12.85 0.87 -14.70
C ARG A 280 -13.33 0.51 -16.08
N MET A 281 -14.63 0.27 -16.17
CA MET A 281 -15.25 -0.02 -17.45
C MET A 281 -16.23 1.11 -17.73
N ALA A 282 -16.65 1.23 -19.00
CA ALA A 282 -17.58 2.29 -19.42
C ALA A 282 -18.88 2.32 -18.63
N SER A 283 -19.30 1.14 -18.21
CA SER A 283 -20.53 0.93 -17.48
C SER A 283 -20.31 0.42 -16.06
N LYS A 284 -19.40 -0.54 -15.92
CA LYS A 284 -19.11 -1.15 -14.61
C LYS A 284 -17.85 -0.64 -13.92
N ILE A 285 -17.71 -1.10 -12.68
CA ILE A 285 -16.57 -0.77 -11.86
C ILE A 285 -16.23 -2.04 -11.08
N GLY A 286 -15.03 -2.56 -11.30
CA GLY A 286 -14.58 -3.75 -10.61
C GLY A 286 -13.67 -3.37 -9.45
N ARG A 287 -13.90 -3.94 -8.27
CA ARG A 287 -13.05 -3.65 -7.12
C ARG A 287 -12.37 -4.91 -6.70
N TRP A 288 -11.05 -4.91 -6.85
CA TRP A 288 -10.20 -6.06 -6.53
C TRP A 288 -9.51 -5.87 -5.20
N TYR A 289 -9.57 -6.90 -4.36
CA TYR A 289 -8.98 -6.87 -3.03
C TYR A 289 -8.12 -8.10 -2.77
N SER A 290 -7.26 -8.01 -1.77
CA SER A 290 -6.44 -9.16 -1.38
C SER A 290 -6.39 -9.26 0.15
N ARG A 291 -6.31 -10.49 0.66
CA ARG A 291 -6.21 -10.70 2.12
C ARG A 291 -5.45 -11.98 2.39
N THR A 292 -4.89 -12.10 3.59
CA THR A 292 -4.12 -13.28 3.95
C THR A 292 -5.02 -14.53 4.00
N MET A 293 -4.47 -15.70 3.72
CA MET A 293 -5.28 -16.90 3.81
C MET A 293 -5.58 -17.22 5.28
N SER A 294 -4.62 -16.98 6.16
CA SER A 294 -4.83 -17.21 7.60
C SER A 294 -5.59 -16.00 8.19
N LYS A 295 -6.58 -16.29 9.03
CA LYS A 295 -7.40 -15.26 9.70
C LYS A 295 -6.57 -14.60 10.82
N THR A 296 -5.60 -15.34 11.31
CA THR A 296 -4.79 -14.89 12.41
C THR A 296 -3.35 -14.49 12.07
N ASN A 297 -2.78 -15.15 11.08
CA ASN A 297 -1.38 -14.90 10.74
C ASN A 297 -1.11 -14.32 9.36
N ARG A 298 0.07 -13.74 9.19
CA ARG A 298 0.47 -13.10 7.93
C ARG A 298 1.07 -14.12 6.95
N MET A 299 0.24 -15.09 6.56
CA MET A 299 0.63 -16.15 5.64
C MET A 299 -0.42 -16.31 4.55
N GLY A 300 0.04 -16.50 3.32
CA GLY A 300 -0.87 -16.65 2.22
C GLY A 300 -1.48 -15.34 1.78
N MET A 301 -2.11 -15.33 0.62
CA MET A 301 -2.75 -14.15 0.10
C MET A 301 -3.75 -14.60 -0.96
N GLU A 302 -5.01 -14.18 -0.79
CA GLU A 302 -6.09 -14.52 -1.72
C GLU A 302 -6.56 -13.27 -2.44
N LEU A 303 -7.04 -13.46 -3.67
CA LEU A 303 -7.55 -12.35 -4.49
C LEU A 303 -9.06 -12.47 -4.45
N TYR A 304 -9.74 -11.33 -4.53
CA TYR A 304 -11.20 -11.28 -4.48
C TYR A 304 -11.61 -10.16 -5.39
N VAL A 305 -12.77 -10.29 -5.99
CA VAL A 305 -13.28 -9.23 -6.84
C VAL A 305 -14.74 -9.02 -6.51
N ARG A 306 -15.24 -7.85 -6.90
CA ARG A 306 -16.62 -7.46 -6.67
C ARG A 306 -16.97 -6.31 -7.62
N TYR A 307 -17.94 -6.57 -8.50
CA TYR A 307 -18.37 -5.57 -9.46
C TYR A 307 -19.54 -4.75 -8.96
N ASP A 308 -19.39 -3.44 -9.12
CA ASP A 308 -20.39 -2.45 -8.75
C ASP A 308 -20.86 -2.56 -7.31
N GLY A 309 -22.06 -2.07 -7.05
CA GLY A 309 -22.60 -2.10 -5.71
C GLY A 309 -22.00 -0.94 -4.91
N ASP A 310 -22.21 -0.96 -3.60
CA ASP A 310 -21.69 0.08 -2.71
C ASP A 310 -21.05 -0.63 -1.51
N PRO A 311 -19.72 -0.52 -1.38
CA PRO A 311 -18.96 -1.14 -0.30
C PRO A 311 -19.49 -0.80 1.08
N TRP A 312 -19.94 0.43 1.25
CA TRP A 312 -20.47 0.88 2.54
C TRP A 312 -21.74 0.14 2.98
N THR A 313 -22.48 -0.39 2.00
CA THR A 313 -23.74 -1.06 2.31
C THR A 313 -23.96 -2.52 1.90
N ASP A 314 -23.22 -3.01 0.91
CA ASP A 314 -23.41 -4.40 0.48
C ASP A 314 -22.74 -5.36 1.46
N SER A 315 -23.55 -6.26 2.03
CA SER A 315 -23.07 -7.25 3.00
C SER A 315 -22.56 -8.51 2.32
N ASP A 316 -22.92 -8.68 1.05
CA ASP A 316 -22.54 -9.86 0.30
C ASP A 316 -21.05 -10.17 0.32
N ALA A 317 -20.75 -11.45 0.36
CA ALA A 317 -19.37 -11.91 0.37
C ALA A 317 -18.74 -11.54 -0.96
N LEU A 318 -17.43 -11.29 -0.93
CA LEU A 318 -16.66 -10.98 -2.11
C LEU A 318 -16.44 -12.32 -2.83
N THR A 319 -16.19 -12.27 -4.13
CA THR A 319 -15.97 -13.47 -4.95
C THR A 319 -14.49 -13.83 -5.02
N LEU A 320 -14.13 -14.98 -4.47
CA LEU A 320 -12.74 -15.43 -4.51
C LEU A 320 -12.30 -15.58 -5.95
N SER A 321 -11.13 -15.02 -6.26
CA SER A 321 -10.59 -15.09 -7.62
C SER A 321 -9.31 -15.90 -7.72
N GLY A 322 -8.67 -16.17 -6.59
CA GLY A 322 -7.46 -16.95 -6.64
C GLY A 322 -6.50 -16.84 -5.49
N VAL A 323 -5.61 -17.82 -5.41
CA VAL A 323 -4.58 -17.87 -4.38
C VAL A 323 -3.28 -17.38 -5.02
N MET A 324 -2.82 -16.20 -4.61
CA MET A 324 -1.59 -15.65 -5.15
C MET A 324 -0.38 -16.18 -4.40
N VAL A 325 -0.57 -16.43 -3.11
CA VAL A 325 0.48 -16.94 -2.23
C VAL A 325 -0.17 -17.97 -1.28
N SER A 326 0.40 -19.19 -1.25
CA SER A 326 -0.11 -20.27 -0.40
C SER A 326 0.17 -20.01 1.11
N ILE A 327 -0.50 -20.74 2.01
CA ILE A 327 -0.28 -20.51 3.45
C ILE A 327 1.13 -20.80 3.94
N GLU A 328 1.90 -21.58 3.18
CA GLU A 328 3.27 -21.90 3.58
C GLU A 328 4.17 -20.71 3.39
N GLU A 329 3.70 -19.75 2.61
CA GLU A 329 4.49 -18.58 2.32
C GLU A 329 3.93 -17.39 3.05
N PRO A 330 4.80 -16.40 3.32
CA PRO A 330 4.51 -15.13 4.00
C PRO A 330 3.57 -14.27 3.15
N GLY A 331 2.60 -13.67 3.79
CA GLY A 331 1.67 -12.81 3.10
C GLY A 331 1.55 -11.65 4.03
N TRP A 332 2.32 -10.59 3.79
CA TRP A 332 2.29 -9.41 4.64
C TRP A 332 1.50 -8.25 3.98
N TYR A 333 2.10 -7.08 3.85
CA TYR A 333 1.39 -5.99 3.22
C TYR A 333 1.11 -6.25 1.73
N SER A 334 0.05 -5.65 1.24
CA SER A 334 -0.33 -5.74 -0.16
C SER A 334 -0.77 -4.31 -0.54
N PHE A 335 -0.63 -3.97 -1.80
CA PHE A 335 -0.97 -2.64 -2.30
C PHE A 335 -1.43 -2.78 -3.74
N GLY A 336 -2.05 -1.73 -4.27
CA GLY A 336 -2.49 -1.74 -5.64
C GLY A 336 -1.82 -0.60 -6.37
N PHE A 337 -1.67 -0.75 -7.68
CA PHE A 337 -1.09 0.31 -8.49
C PHE A 337 -1.55 0.06 -9.93
N GLU A 338 -1.32 1.02 -10.80
CA GLU A 338 -1.74 0.85 -12.20
C GLU A 338 -0.63 1.20 -13.15
N ILE A 339 -0.45 0.36 -14.15
CA ILE A 339 0.56 0.58 -15.16
C ILE A 339 -0.09 1.34 -16.30
N LYS A 340 0.57 2.37 -16.80
CA LYS A 340 0.01 3.13 -17.91
C LYS A 340 0.36 2.47 -19.26
N ASP A 341 -0.64 1.91 -19.96
CA ASP A 341 -0.39 1.33 -21.28
C ASP A 341 -0.76 2.44 -22.28
N LYS A 342 -0.38 2.28 -23.53
CA LYS A 342 -0.67 3.23 -24.62
C LYS A 342 -2.00 3.97 -24.51
N LYS A 343 -3.12 3.25 -24.39
CA LYS A 343 -4.39 3.95 -24.29
C LYS A 343 -5.30 3.47 -23.19
N CYS A 344 -4.75 2.78 -22.21
CA CYS A 344 -5.57 2.28 -21.13
C CYS A 344 -4.66 1.97 -19.94
N ASP A 345 -5.24 1.84 -18.77
CA ASP A 345 -4.51 1.57 -17.55
C ASP A 345 -4.65 0.14 -17.17
N VAL A 346 -3.58 -0.41 -16.61
CA VAL A 346 -3.52 -1.80 -16.19
C VAL A 346 -3.48 -1.91 -14.64
N PRO A 347 -4.56 -2.43 -14.01
CA PRO A 347 -4.54 -2.57 -12.54
C PRO A 347 -3.70 -3.75 -12.05
N CYS A 348 -2.90 -3.51 -11.00
CA CYS A 348 -2.06 -4.56 -10.42
C CYS A 348 -2.09 -4.53 -8.88
N ILE A 349 -1.75 -5.68 -8.30
CA ILE A 349 -1.69 -5.86 -6.85
C ILE A 349 -0.28 -6.37 -6.53
N GLY A 350 0.40 -5.67 -5.63
CA GLY A 350 1.74 -6.07 -5.19
C GLY A 350 1.63 -6.70 -3.81
N ILE A 351 2.52 -7.64 -3.52
CA ILE A 351 2.49 -8.32 -2.23
C ILE A 351 3.88 -8.32 -1.58
N GLU A 352 3.92 -7.96 -0.31
CA GLU A 352 5.15 -7.96 0.48
C GLU A 352 5.27 -9.33 1.16
N MET A 353 6.36 -10.02 0.87
CA MET A 353 6.63 -11.34 1.44
C MET A 353 7.86 -11.19 2.32
N VAL A 354 7.63 -10.92 3.59
CA VAL A 354 8.69 -10.72 4.58
C VAL A 354 9.33 -12.02 5.01
N HIS A 355 10.67 -11.99 5.13
CA HIS A 355 11.47 -13.12 5.60
C HIS A 355 11.67 -12.82 7.08
N ASP A 356 10.83 -13.40 7.92
CA ASP A 356 10.92 -13.17 9.36
C ASP A 356 11.55 -14.38 10.00
N GLY A 357 12.63 -14.14 10.75
CA GLY A 357 13.31 -15.23 11.42
C GLY A 357 13.61 -14.84 12.86
N GLY A 358 12.88 -13.85 13.37
CA GLY A 358 13.11 -13.43 14.73
C GLY A 358 13.87 -12.14 14.84
N LYS A 359 14.12 -11.71 16.09
CA LYS A 359 14.83 -10.47 16.37
C LYS A 359 16.34 -10.63 16.33
N ASP A 360 16.82 -11.86 16.22
CA ASP A 360 18.25 -12.12 16.19
C ASP A 360 18.93 -12.21 14.82
N THR A 361 18.16 -12.05 13.75
CA THR A 361 18.70 -12.12 12.41
C THR A 361 18.12 -10.99 11.56
N TRP A 362 18.46 -10.95 10.28
CA TRP A 362 17.93 -9.91 9.42
C TRP A 362 16.42 -10.08 9.20
N HIS A 363 15.78 -8.99 8.77
CA HIS A 363 14.33 -8.94 8.54
C HIS A 363 14.13 -8.14 7.25
N SER A 364 13.69 -8.79 6.18
CA SER A 364 13.53 -8.09 4.91
C SER A 364 12.39 -8.68 4.08
N ALA A 365 12.22 -8.21 2.84
CA ALA A 365 11.10 -8.69 2.03
C ALA A 365 11.24 -8.81 0.51
N ALA A 366 10.47 -9.72 -0.07
CA ALA A 366 10.38 -9.92 -1.51
C ALA A 366 9.09 -9.18 -1.90
N THR A 367 8.92 -8.90 -3.19
CA THR A 367 7.72 -8.21 -3.66
C THR A 367 7.19 -9.01 -4.87
N ALA A 368 5.98 -9.55 -4.75
CA ALA A 368 5.37 -10.30 -5.85
C ALA A 368 4.33 -9.38 -6.50
N ILE A 369 4.21 -9.42 -7.83
CA ILE A 369 3.28 -8.57 -8.57
C ILE A 369 2.28 -9.40 -9.39
N TYR A 370 1.00 -9.05 -9.28
CA TYR A 370 -0.10 -9.70 -10.03
C TYR A 370 -0.85 -8.62 -10.76
N CYS A 371 -1.07 -8.80 -12.06
CA CYS A 371 -1.82 -7.78 -12.79
C CYS A 371 -2.97 -8.39 -13.55
N LEU A 372 -3.97 -7.57 -13.86
CA LEU A 372 -5.11 -7.99 -14.67
C LEU A 372 -4.60 -8.30 -16.08
N MET A 373 -4.79 -9.53 -16.53
CA MET A 373 -4.35 -9.85 -17.89
C MET A 373 -5.08 -11.01 -18.52
N GLY A 374 -5.65 -10.75 -19.69
CA GLY A 374 -6.39 -11.79 -20.40
C GLY A 374 -7.63 -12.21 -19.62
N SER A 375 -8.17 -13.37 -19.95
CA SER A 375 -9.35 -13.86 -19.26
C SER A 375 -9.01 -15.20 -18.65
N GLY A 376 -10.03 -15.87 -18.11
CA GLY A 376 -9.81 -17.17 -17.52
C GLY A 376 -9.81 -17.09 -16.02
N GLN A 377 -9.01 -17.96 -15.39
CA GLN A 377 -8.88 -18.06 -13.94
C GLN A 377 -7.39 -17.88 -13.63
N LEU A 378 -7.10 -17.42 -12.41
CA LEU A 378 -5.73 -17.20 -11.93
C LEU A 378 -5.04 -18.58 -11.82
N LEU A 379 -3.95 -18.72 -12.56
CA LEU A 379 -3.18 -19.94 -12.69
C LEU A 379 -2.09 -20.34 -11.70
N TRP A 380 -1.22 -19.42 -11.33
CA TRP A 380 -0.09 -19.78 -10.46
C TRP A 380 0.22 -18.84 -9.30
N ASP A 381 0.73 -19.43 -8.22
CA ASP A 381 1.10 -18.72 -7.00
C ASP A 381 2.59 -18.33 -6.98
N THR A 382 2.97 -17.58 -5.95
CA THR A 382 4.35 -17.10 -5.80
C THR A 382 5.05 -17.58 -4.53
N VAL A 383 6.34 -17.93 -4.68
CA VAL A 383 7.21 -18.39 -3.58
C VAL A 383 8.46 -17.52 -3.66
N THR A 384 9.12 -17.29 -2.52
CA THR A 384 10.33 -16.45 -2.53
C THR A 384 11.60 -17.19 -2.90
N GLY A 385 11.67 -18.49 -2.59
CA GLY A 385 12.86 -19.26 -2.87
C GLY A 385 14.05 -18.98 -1.95
N VAL A 386 13.81 -18.23 -0.88
CA VAL A 386 14.88 -17.87 0.05
C VAL A 386 15.04 -18.77 1.29
N ASP A 387 16.27 -19.16 1.57
CA ASP A 387 16.58 -19.97 2.75
C ASP A 387 17.29 -18.97 3.63
N MET A 388 16.63 -18.56 4.71
CA MET A 388 17.21 -17.57 5.60
C MET A 388 18.53 -17.95 6.27
N ALA A 389 18.89 -19.23 6.23
CA ALA A 389 20.14 -19.72 6.84
C ALA A 389 21.39 -19.63 5.98
N LEU A 390 21.27 -19.12 4.76
CA LEU A 390 22.41 -19.05 3.85
C LEU A 390 23.10 -17.70 3.83
#